data_3MEI
#
_entry.id   3MEI
#
_cell.length_a   32.928
_cell.length_b   38.564
_cell.length_c   41.985
_cell.angle_alpha   90.000
_cell.angle_beta   100.100
_cell.angle_gamma   90.000
#
_symmetry.space_group_name_H-M   'P 1 21 1'
#
loop_
_entity.id
_entity.type
_entity.pdbx_description
1 polymer "RNA (5'-R(*CP*CP*GP*CP*CP*GP*CP*GP*CP*CP*AP*(5BU)P*GP*CP*CP*UP*GP*UP*GP*GP*CP*GP*G)-3')"
2 non-polymer 'MAGNESIUM ION'
3 water water
#
_entity_poly.entity_id   1
_entity_poly.type   'polyribonucleotide'
_entity_poly.pdbx_seq_one_letter_code
;CCGCCGCGCCA(5BU)GCCUGUGGCGG
;
_entity_poly.pdbx_strand_id   A,B
#